data_4LTA
#
_entry.id   4LTA
#
_cell.length_a   72.950
_cell.length_b   74.470
_cell.length_c   75.900
_cell.angle_alpha   90.00
_cell.angle_beta   90.00
_cell.angle_gamma   90.00
#
_symmetry.space_group_name_H-M   'P 21 21 21'
#
loop_
_entity.id
_entity.type
_entity.pdbx_description
1 polymer 'Glucose-6-phosphate isomerase'
2 non-polymer 'MANGANESE (II) ION'
3 non-polymer '5-PHOSPHOARABINONIC ACID'
4 non-polymer 1,2-ETHANEDIOL
5 water water
#
_entity_poly.entity_id   1
_entity_poly.type   'polypeptide(L)'
_entity_poly.pdbx_seq_one_letter_code
;MYKEPFGVKVDFETGIIEGAKKSVRRLSDMEGYFVDERAWKELVEKEDPVVYEVYAVEQEEKEGDLNFATTVLYPGKVGK
EFFFTKGHFHAKLDRAEVYVALKGKGGMLLQTPEGDAKWISMEPGTVVYVPRGWAHRTVNIGDEPFIFLAIYPADAGHDY
GTIAEKGFSKIVIEENGEVKVVDNPRWKK
;
_entity_poly.pdbx_strand_id   A,B
#
loop_
_chem_comp.id
_chem_comp.type
_chem_comp.name
_chem_comp.formula
EDO non-polymer 1,2-ETHANEDIOL 'C2 H6 O2'
MN non-polymer 'MANGANESE (II) ION' 'Mn 2'
PA5 saccharide '5-PHOSPHOARABINONIC ACID' 'C5 H11 O9 P'
#
# COMPACT_ATOMS: atom_id res chain seq x y z
N MET A 1 17.43 7.85 -18.88
CA MET A 1 17.66 7.16 -17.58
C MET A 1 16.91 7.82 -16.41
N TYR A 2 16.38 6.98 -15.53
CA TYR A 2 15.52 7.36 -14.39
C TYR A 2 14.09 7.76 -14.79
N LYS A 3 13.12 6.92 -14.39
CA LYS A 3 11.69 7.22 -14.50
C LYS A 3 11.34 8.41 -13.59
N GLU A 4 10.35 9.20 -14.00
CA GLU A 4 9.83 10.29 -13.18
C GLU A 4 9.09 9.75 -11.95
N PRO A 5 9.35 10.30 -10.73
CA PRO A 5 8.42 9.97 -9.63
C PRO A 5 7.12 10.70 -9.86
N PHE A 6 6.01 10.19 -9.32
CA PHE A 6 4.71 10.87 -9.47
C PHE A 6 3.79 10.60 -8.29
N GLY A 7 2.90 11.55 -8.03
CA GLY A 7 1.75 11.34 -7.17
C GLY A 7 0.45 11.33 -7.97
N VAL A 8 -0.49 10.52 -7.53
CA VAL A 8 -1.87 10.57 -8.02
C VAL A 8 -2.77 10.54 -6.81
N LYS A 9 -3.95 11.15 -6.93
CA LYS A 9 -4.90 11.18 -5.85
C LYS A 9 -5.84 9.98 -5.90
N VAL A 10 -5.96 9.27 -4.79
CA VAL A 10 -6.93 8.19 -4.63
C VAL A 10 -8.01 8.60 -3.62
N ASP A 11 -9.25 8.70 -4.11
CA ASP A 11 -10.40 9.02 -3.26
C ASP A 11 -10.80 7.77 -2.48
N PHE A 12 -10.57 7.80 -1.17
CA PHE A 12 -10.89 6.63 -0.30
C PHE A 12 -12.40 6.41 -0.12
N GLU A 13 -13.21 7.40 -0.47
CA GLU A 13 -14.68 7.29 -0.43
C GLU A 13 -15.27 6.57 -1.64
N THR A 14 -14.67 6.75 -2.81
CA THR A 14 -15.22 6.20 -4.05
C THR A 14 -14.31 5.15 -4.71
N GLY A 15 -13.04 5.10 -4.32
CA GLY A 15 -12.03 4.21 -4.98
C GLY A 15 -11.46 4.72 -6.30
N ILE A 16 -12.00 5.83 -6.74
CA ILE A 16 -11.60 6.49 -7.99
C ILE A 16 -10.16 6.98 -7.94
N ILE A 17 -9.37 6.53 -8.91
CA ILE A 17 -8.05 7.09 -9.17
C ILE A 17 -8.16 7.86 -10.49
N GLU A 18 -8.03 9.18 -10.41
CA GLU A 18 -8.02 10.02 -11.60
C GLU A 18 -7.02 9.50 -12.61
N GLY A 19 -7.51 9.30 -13.83
CA GLY A 19 -6.67 8.99 -14.97
C GLY A 19 -6.10 7.58 -15.06
N ALA A 20 -6.35 6.74 -14.07
CA ALA A 20 -5.89 5.34 -14.09
C ALA A 20 -6.73 4.53 -15.08
N LYS A 21 -6.31 3.30 -15.38
CA LYS A 21 -7.09 2.49 -16.30
C LYS A 21 -8.23 1.78 -15.57
N LYS A 22 -9.45 2.16 -15.93
CA LYS A 22 -10.67 1.57 -15.38
C LYS A 22 -11.12 0.26 -16.06
N SER A 23 -11.23 -0.79 -15.25
CA SER A 23 -11.78 -2.08 -15.72
C SER A 23 -13.08 -2.45 -14.99
N VAL A 24 -14.03 -3.02 -15.74
CA VAL A 24 -15.38 -3.37 -15.25
C VAL A 24 -15.70 -4.87 -15.35
N ARG A 25 -15.93 -5.52 -14.21
CA ARG A 25 -16.44 -6.88 -14.30
C ARG A 25 -17.94 -6.98 -14.00
N ARG A 26 -18.68 -7.41 -15.00
CA ARG A 26 -20.13 -7.60 -14.88
C ARG A 26 -20.42 -9.07 -14.58
N LEU A 27 -21.61 -9.35 -14.09
CA LEU A 27 -21.89 -10.74 -13.68
C LEU A 27 -21.83 -11.76 -14.83
N SER A 28 -22.13 -11.34 -16.07
CA SER A 28 -22.04 -12.29 -17.21
C SER A 28 -20.62 -12.79 -17.46
N ASP A 29 -19.65 -12.00 -17.00
CA ASP A 29 -18.25 -12.28 -17.20
C ASP A 29 -17.74 -13.37 -16.26
N MET A 30 -18.60 -13.85 -15.37
CA MET A 30 -18.23 -14.80 -14.32
C MET A 30 -18.99 -16.14 -14.37
N GLU A 31 -19.23 -16.66 -15.57
CA GLU A 31 -19.92 -17.93 -15.78
C GLU A 31 -19.08 -19.07 -15.18
N GLY A 32 -19.75 -19.91 -14.39
CA GLY A 32 -19.11 -21.06 -13.75
C GLY A 32 -18.46 -20.74 -12.42
N TYR A 33 -18.68 -19.54 -11.91
CA TYR A 33 -18.01 -19.11 -10.66
C TYR A 33 -18.87 -19.29 -9.43
N PHE A 34 -20.17 -19.07 -9.55
CA PHE A 34 -21.02 -19.18 -8.39
C PHE A 34 -21.63 -20.57 -8.28
N VAL A 35 -21.90 -21.01 -7.05
CA VAL A 35 -22.45 -22.34 -6.80
C VAL A 35 -23.86 -22.46 -7.39
N ASP A 36 -24.71 -21.48 -7.10
CA ASP A 36 -26.08 -21.48 -7.63
C ASP A 36 -26.24 -20.96 -9.07
N GLU A 37 -26.02 -21.84 -10.04
CA GLU A 37 -26.08 -21.50 -11.46
C GLU A 37 -27.40 -20.89 -11.96
N ARG A 38 -28.51 -21.19 -11.29
CA ARG A 38 -29.82 -20.72 -11.74
C ARG A 38 -30.18 -19.37 -11.18
N ALA A 39 -29.63 -19.06 -10.01
CA ALA A 39 -29.68 -17.70 -9.53
C ALA A 39 -28.77 -16.86 -10.44
N TRP A 40 -27.65 -17.45 -10.92
CA TRP A 40 -26.70 -16.76 -11.80
C TRP A 40 -27.38 -16.36 -13.10
N LYS A 41 -27.96 -17.34 -13.76
CA LYS A 41 -28.71 -17.13 -14.99
C LYS A 41 -29.74 -16.02 -14.81
N GLU A 42 -30.50 -16.10 -13.72
CA GLU A 42 -31.61 -15.19 -13.50
C GLU A 42 -31.14 -13.76 -13.33
N LEU A 43 -30.13 -13.55 -12.49
CA LEU A 43 -29.71 -12.20 -12.19
C LEU A 43 -29.10 -11.56 -13.43
N VAL A 44 -28.38 -12.36 -14.23
CA VAL A 44 -27.77 -11.91 -15.49
C VAL A 44 -28.84 -11.42 -16.47
N GLU A 45 -29.82 -12.29 -16.76
CA GLU A 45 -30.90 -11.97 -17.70
C GLU A 45 -31.70 -10.75 -17.25
N LYS A 46 -31.88 -10.63 -15.93
CA LYS A 46 -32.68 -9.55 -15.32
C LYS A 46 -31.98 -8.18 -15.21
N GLU A 47 -30.64 -8.20 -15.15
CA GLU A 47 -29.81 -6.99 -14.92
C GLU A 47 -28.41 -7.00 -15.55
N ASP A 48 -27.66 -8.09 -15.30
CA ASP A 48 -26.19 -8.17 -15.49
C ASP A 48 -25.49 -7.03 -14.73
N PRO A 49 -25.61 -7.07 -13.39
CA PRO A 49 -25.09 -5.94 -12.62
C PRO A 49 -23.57 -5.98 -12.59
N VAL A 50 -22.95 -4.83 -12.30
CA VAL A 50 -21.50 -4.80 -12.13
C VAL A 50 -21.16 -5.47 -10.79
N VAL A 51 -20.37 -6.52 -10.82
CA VAL A 51 -19.88 -7.12 -9.56
C VAL A 51 -18.76 -6.25 -8.93
N TYR A 52 -17.75 -5.89 -9.74
CA TYR A 52 -16.67 -5.01 -9.31
C TYR A 52 -16.02 -4.19 -10.43
N GLU A 53 -15.36 -3.11 -10.01
CA GLU A 53 -14.61 -2.22 -10.86
C GLU A 53 -13.16 -2.12 -10.35
N VAL A 54 -12.21 -2.00 -11.26
CA VAL A 54 -10.79 -1.90 -10.90
C VAL A 54 -10.17 -0.61 -11.49
N TYR A 55 -9.43 0.14 -10.66
CA TYR A 55 -8.61 1.30 -11.14
C TYR A 55 -7.13 1.00 -10.88
N ALA A 56 -6.40 0.67 -11.94
CA ALA A 56 -5.03 0.20 -11.84
C ALA A 56 -4.02 1.18 -12.45
N VAL A 57 -2.92 1.40 -11.71
CA VAL A 57 -1.78 2.20 -12.15
C VAL A 57 -0.61 1.21 -12.25
N GLU A 58 -0.28 0.89 -13.49
CA GLU A 58 0.58 -0.24 -13.77
C GLU A 58 1.82 0.18 -14.53
N GLN A 59 2.94 -0.46 -14.19
CA GLN A 59 4.23 -0.26 -14.87
C GLN A 59 4.47 -1.46 -15.78
N GLU A 60 5.44 -1.33 -16.69
CA GLU A 60 5.81 -2.46 -17.54
C GLU A 60 6.16 -3.63 -16.64
N GLU A 61 6.14 -4.84 -17.17
CA GLU A 61 6.42 -6.02 -16.38
C GLU A 61 7.93 -6.20 -16.16
N LYS A 62 8.46 -5.45 -15.20
CA LYS A 62 9.88 -5.53 -14.85
C LYS A 62 10.01 -5.90 -13.37
N GLU A 63 10.94 -6.79 -13.03
CA GLU A 63 11.10 -7.17 -11.61
C GLU A 63 11.65 -6.02 -10.77
N GLY A 64 11.09 -5.86 -9.57
CA GLY A 64 11.48 -4.76 -8.68
C GLY A 64 10.51 -3.60 -8.71
N ASP A 65 9.76 -3.49 -9.81
CA ASP A 65 8.72 -2.48 -9.95
C ASP A 65 7.40 -2.86 -9.22
N LEU A 66 6.49 -1.90 -9.08
CA LEU A 66 5.28 -2.13 -8.28
C LEU A 66 4.08 -1.47 -8.94
N ASN A 67 2.95 -2.17 -8.94
CA ASN A 67 1.68 -1.61 -9.38
C ASN A 67 0.79 -1.41 -8.18
N PHE A 68 -0.14 -0.49 -8.31
CA PHE A 68 -1.24 -0.40 -7.34
C PHE A 68 -2.55 -0.28 -8.05
N ALA A 69 -3.60 -0.77 -7.39
CA ALA A 69 -4.92 -0.76 -7.99
C ALA A 69 -5.90 -0.74 -6.87
N THR A 70 -6.99 0.01 -7.08
CA THR A 70 -8.17 -0.11 -6.24
C THR A 70 -9.25 -1.00 -6.88
N THR A 71 -9.98 -1.68 -6.02
CA THR A 71 -11.19 -2.38 -6.43
C THR A 71 -12.35 -1.80 -5.63
N VAL A 72 -13.45 -1.52 -6.31
CA VAL A 72 -14.74 -1.26 -5.65
C VAL A 72 -15.62 -2.51 -5.87
N LEU A 73 -15.90 -3.28 -4.83
CA LEU A 73 -16.65 -4.52 -5.01
C LEU A 73 -18.05 -4.25 -4.46
N TYR A 74 -19.03 -4.27 -5.36
CA TYR A 74 -20.41 -3.87 -5.03
C TYR A 74 -21.14 -4.93 -4.15
N PRO A 75 -22.14 -4.49 -3.37
CA PRO A 75 -22.88 -5.44 -2.57
C PRO A 75 -23.85 -6.26 -3.42
N GLY A 76 -24.16 -7.45 -2.95
CA GLY A 76 -25.00 -8.38 -3.70
C GLY A 76 -24.84 -9.80 -3.24
N LYS A 77 -25.74 -10.64 -3.74
CA LYS A 77 -25.76 -12.08 -3.53
C LYS A 77 -26.28 -12.72 -4.83
N VAL A 78 -25.60 -13.78 -5.24
CA VAL A 78 -26.08 -14.73 -6.23
C VAL A 78 -26.56 -15.91 -5.37
N GLY A 79 -27.87 -15.98 -5.11
CA GLY A 79 -28.40 -16.99 -4.21
C GLY A 79 -28.04 -16.73 -2.76
N LYS A 80 -27.33 -17.66 -2.13
CA LYS A 80 -26.81 -17.43 -0.77
C LYS A 80 -25.39 -16.80 -0.79
N GLU A 81 -24.71 -16.96 -1.92
CA GLU A 81 -23.30 -16.61 -2.08
C GLU A 81 -23.10 -15.10 -2.35
N PHE A 82 -22.44 -14.40 -1.43
CA PHE A 82 -22.01 -12.99 -1.66
C PHE A 82 -21.10 -12.76 -2.88
N PHE A 83 -21.22 -11.54 -3.42
CA PHE A 83 -20.44 -11.08 -4.56
C PHE A 83 -18.97 -11.18 -4.21
N PHE A 84 -18.17 -11.67 -5.16
CA PHE A 84 -16.72 -11.72 -5.05
C PHE A 84 -16.02 -11.37 -6.36
N THR A 85 -14.69 -11.20 -6.27
CA THR A 85 -13.80 -11.08 -7.40
C THR A 85 -13.48 -12.49 -7.89
N LYS A 86 -13.26 -12.62 -9.19
CA LYS A 86 -12.92 -13.92 -9.81
C LYS A 86 -11.82 -14.69 -9.05
N GLY A 87 -10.72 -14.03 -8.74
CA GLY A 87 -9.62 -14.66 -7.97
C GLY A 87 -8.54 -15.26 -8.86
N HIS A 88 -7.31 -15.29 -8.36
CA HIS A 88 -6.18 -15.74 -9.17
C HIS A 88 -4.94 -16.08 -8.39
N PHE A 89 -4.06 -16.87 -9.01
CA PHE A 89 -2.69 -17.04 -8.56
C PHE A 89 -1.94 -16.00 -9.36
N HIS A 90 -0.79 -15.57 -8.89
CA HIS A 90 0.08 -14.78 -9.73
C HIS A 90 0.85 -15.72 -10.65
N ALA A 91 0.97 -15.31 -11.92
CA ALA A 91 1.74 -16.01 -12.94
C ALA A 91 3.21 -16.30 -12.56
N LYS A 92 3.82 -15.43 -11.77
CA LYS A 92 5.09 -15.74 -11.09
C LYS A 92 4.69 -16.07 -9.68
N LEU A 93 4.60 -17.37 -9.38
CA LEU A 93 4.04 -17.83 -8.11
C LEU A 93 4.66 -17.17 -6.89
N ASP A 94 5.96 -16.94 -6.94
CA ASP A 94 6.69 -16.39 -5.79
C ASP A 94 6.72 -14.84 -5.73
N ARG A 95 5.53 -14.26 -5.83
CA ARG A 95 5.35 -12.80 -5.73
C ARG A 95 4.25 -12.47 -4.72
N ALA A 96 4.62 -11.77 -3.64
CA ALA A 96 3.67 -11.42 -2.58
C ALA A 96 2.75 -10.25 -2.96
N GLU A 97 1.74 -10.00 -2.12
CA GLU A 97 0.85 -8.86 -2.30
C GLU A 97 0.39 -8.26 -0.95
N VAL A 98 0.08 -6.96 -0.97
CA VAL A 98 -0.40 -6.27 0.23
C VAL A 98 -1.71 -5.52 -0.10
N TYR A 99 -2.72 -5.68 0.75
CA TYR A 99 -4.03 -5.05 0.53
C TYR A 99 -4.31 -4.15 1.70
N VAL A 100 -5.02 -3.04 1.42
CA VAL A 100 -5.41 -2.08 2.44
C VAL A 100 -6.90 -1.79 2.33
N ALA A 101 -7.67 -2.16 3.35
CA ALA A 101 -9.11 -1.96 3.23
C ALA A 101 -9.42 -0.52 3.50
N LEU A 102 -10.22 0.07 2.60
CA LEU A 102 -10.60 1.48 2.72
C LEU A 102 -12.06 1.69 3.14
N LYS A 103 -12.99 0.94 2.56
CA LYS A 103 -14.38 1.14 2.93
C LYS A 103 -15.20 -0.13 2.90
N GLY A 104 -16.21 -0.20 3.78
CA GLY A 104 -17.14 -1.31 3.75
C GLY A 104 -16.67 -2.49 4.56
N LYS A 105 -17.37 -3.60 4.40
CA LYS A 105 -17.16 -4.78 5.23
C LYS A 105 -16.95 -5.99 4.31
N GLY A 106 -15.89 -6.73 4.57
CA GLY A 106 -15.55 -7.79 3.65
C GLY A 106 -14.49 -8.72 4.15
N GLY A 107 -13.87 -9.42 3.20
CA GLY A 107 -12.79 -10.30 3.56
C GLY A 107 -12.07 -10.88 2.37
N MET A 108 -11.00 -11.63 2.69
CA MET A 108 -10.24 -12.32 1.68
C MET A 108 -10.23 -13.82 1.88
N LEU A 109 -10.52 -14.54 0.79
CA LEU A 109 -10.27 -15.99 0.77
C LEU A 109 -8.93 -16.27 0.10
N LEU A 110 -8.19 -17.22 0.63
CA LEU A 110 -6.83 -17.55 0.12
C LEU A 110 -6.63 -19.05 -0.02
N GLN A 111 -5.91 -19.47 -1.06
CA GLN A 111 -5.71 -20.88 -1.31
C GLN A 111 -4.33 -21.22 -1.88
N THR A 112 -3.67 -22.23 -1.34
CA THR A 112 -2.46 -22.78 -1.99
C THR A 112 -2.81 -23.67 -3.19
N PRO A 113 -1.80 -24.03 -4.01
CA PRO A 113 -2.08 -24.88 -5.17
C PRO A 113 -2.62 -26.24 -4.76
N GLU A 114 -2.07 -26.80 -3.69
CA GLU A 114 -2.54 -28.08 -3.14
C GLU A 114 -3.88 -27.94 -2.43
N GLY A 115 -4.23 -26.72 -2.00
CA GLY A 115 -5.58 -26.44 -1.52
C GLY A 115 -5.78 -26.03 -0.07
N ASP A 116 -4.72 -25.62 0.61
CA ASP A 116 -4.86 -25.02 1.94
C ASP A 116 -5.64 -23.71 1.82
N ALA A 117 -6.60 -23.50 2.73
CA ALA A 117 -7.50 -22.34 2.64
C ALA A 117 -7.45 -21.52 3.92
N LYS A 118 -7.69 -20.22 3.79
CA LYS A 118 -7.76 -19.33 4.95
C LYS A 118 -8.71 -18.19 4.66
N TRP A 119 -9.42 -17.76 5.70
CA TRP A 119 -10.30 -16.62 5.59
C TRP A 119 -9.79 -15.49 6.46
N ILE A 120 -9.70 -14.29 5.90
CA ILE A 120 -9.22 -13.12 6.63
C ILE A 120 -10.22 -11.98 6.50
N SER A 121 -10.87 -11.66 7.61
CA SER A 121 -11.89 -10.62 7.63
C SER A 121 -11.28 -9.26 7.45
N MET A 122 -11.98 -8.37 6.77
CA MET A 122 -11.42 -7.09 6.40
C MET A 122 -12.42 -6.02 6.72
N GLU A 123 -11.97 -4.97 7.39
CA GLU A 123 -12.76 -3.75 7.63
C GLU A 123 -11.87 -2.55 7.42
N PRO A 124 -12.44 -1.32 7.37
CA PRO A 124 -11.61 -0.13 7.14
C PRO A 124 -10.37 -0.15 8.04
N GLY A 125 -9.18 -0.06 7.45
CA GLY A 125 -7.97 -0.04 8.28
C GLY A 125 -7.20 -1.35 8.31
N THR A 126 -7.85 -2.47 7.97
CA THR A 126 -7.20 -3.80 7.91
C THR A 126 -6.23 -3.83 6.75
N VAL A 127 -5.04 -4.37 7.02
CA VAL A 127 -4.04 -4.58 5.98
C VAL A 127 -3.79 -6.06 5.94
N VAL A 128 -3.90 -6.66 4.75
CA VAL A 128 -3.75 -8.08 4.57
C VAL A 128 -2.49 -8.42 3.80
N TYR A 129 -1.71 -9.32 4.37
CA TYR A 129 -0.51 -9.78 3.71
C TYR A 129 -0.78 -11.10 3.00
N VAL A 130 -0.60 -11.10 1.67
CA VAL A 130 -0.85 -12.24 0.78
C VAL A 130 0.50 -12.89 0.43
N PRO A 131 0.83 -14.03 1.06
CA PRO A 131 2.16 -14.59 0.80
C PRO A 131 2.35 -15.10 -0.62
N ARG A 132 3.59 -15.26 -1.03
CA ARG A 132 3.88 -15.86 -2.32
C ARG A 132 3.20 -17.25 -2.44
N GLY A 133 2.81 -17.63 -3.65
CA GLY A 133 2.17 -18.95 -3.89
C GLY A 133 0.71 -19.13 -3.49
N TRP A 134 0.07 -18.10 -2.94
CA TRP A 134 -1.32 -18.20 -2.51
C TRP A 134 -2.28 -17.49 -3.46
N ALA A 135 -3.28 -18.22 -3.94
CA ALA A 135 -4.38 -17.61 -4.71
C ALA A 135 -5.23 -16.79 -3.76
N HIS A 136 -5.91 -15.77 -4.27
CA HIS A 136 -6.61 -14.82 -3.40
C HIS A 136 -7.88 -14.22 -4.01
N ARG A 137 -8.93 -14.19 -3.21
CA ARG A 137 -10.20 -13.64 -3.64
C ARG A 137 -10.79 -12.80 -2.54
N THR A 138 -11.41 -11.70 -2.94
CA THR A 138 -12.08 -10.82 -1.98
C THR A 138 -13.59 -10.87 -2.16
N VAL A 139 -14.28 -10.74 -1.03
CA VAL A 139 -15.72 -10.96 -0.94
C VAL A 139 -16.28 -9.80 -0.17
N ASN A 140 -17.44 -9.28 -0.59
CA ASN A 140 -18.14 -8.21 0.10
C ASN A 140 -19.31 -8.82 0.92
N ILE A 141 -19.25 -8.74 2.23
CA ILE A 141 -20.25 -9.39 3.08
C ILE A 141 -21.31 -8.43 3.67
N GLY A 142 -21.36 -7.21 3.13
CA GLY A 142 -22.22 -6.13 3.69
C GLY A 142 -23.14 -5.51 2.67
N ASP A 143 -23.69 -4.34 3.03
CA ASP A 143 -24.69 -3.65 2.20
C ASP A 143 -24.17 -2.45 1.41
N GLU A 144 -22.91 -2.06 1.61
CA GLU A 144 -22.33 -0.95 0.84
C GLU A 144 -21.10 -1.43 0.07
N PRO A 145 -20.53 -0.60 -0.84
CA PRO A 145 -19.38 -1.20 -1.57
C PRO A 145 -18.22 -1.48 -0.64
N PHE A 146 -17.46 -2.52 -0.97
CA PHE A 146 -16.23 -2.85 -0.23
C PHE A 146 -15.08 -2.34 -1.07
N ILE A 147 -14.38 -1.33 -0.57
CA ILE A 147 -13.38 -0.63 -1.36
C ILE A 147 -12.02 -0.86 -0.75
N PHE A 148 -11.06 -1.30 -1.58
CA PHE A 148 -9.71 -1.56 -1.06
C PHE A 148 -8.64 -1.16 -2.07
N LEU A 149 -7.43 -1.00 -1.54
CA LEU A 149 -6.26 -0.66 -2.35
C LEU A 149 -5.30 -1.86 -2.27
N ALA A 150 -4.73 -2.21 -3.42
CA ALA A 150 -3.72 -3.25 -3.44
C ALA A 150 -2.43 -2.78 -4.13
N ILE A 151 -1.29 -3.30 -3.66
CA ILE A 151 0.03 -3.01 -4.18
C ILE A 151 0.72 -4.37 -4.42
N TYR A 152 1.19 -4.56 -5.63
CA TYR A 152 1.69 -5.86 -6.08
C TYR A 152 2.85 -5.71 -7.05
N PRO A 153 3.76 -6.71 -7.09
CA PRO A 153 4.83 -6.60 -8.08
C PRO A 153 4.35 -6.42 -9.54
N ALA A 154 5.00 -5.48 -10.25
CA ALA A 154 4.73 -5.24 -11.65
C ALA A 154 4.85 -6.50 -12.54
N ASP A 155 5.71 -7.43 -12.15
CA ASP A 155 5.82 -8.67 -12.93
C ASP A 155 5.07 -9.89 -12.35
N ALA A 156 4.13 -9.68 -11.41
CA ALA A 156 3.42 -10.82 -10.77
C ALA A 156 2.54 -11.53 -11.79
N GLY A 157 1.82 -10.74 -12.59
CA GLY A 157 0.90 -11.29 -13.57
C GLY A 157 -0.24 -12.04 -12.93
N HIS A 158 -1.02 -12.72 -13.76
CA HIS A 158 -2.23 -13.38 -13.30
C HIS A 158 -2.38 -14.77 -13.88
N ASP A 159 -2.72 -15.71 -13.00
CA ASP A 159 -3.21 -17.02 -13.41
C ASP A 159 -4.71 -17.17 -13.02
N TYR A 160 -5.60 -16.89 -13.97
CA TYR A 160 -7.05 -17.05 -13.75
C TYR A 160 -7.51 -18.48 -14.06
N GLY A 161 -6.85 -19.11 -15.03
CA GLY A 161 -7.22 -20.44 -15.55
C GLY A 161 -7.48 -21.46 -14.46
N THR A 162 -6.50 -21.62 -13.57
CA THR A 162 -6.54 -22.59 -12.47
C THR A 162 -7.79 -22.43 -11.60
N ILE A 163 -8.07 -21.21 -11.20
CA ILE A 163 -9.21 -20.93 -10.34
C ILE A 163 -10.57 -21.20 -11.03
N ALA A 164 -10.69 -20.78 -12.29
CA ALA A 164 -11.95 -20.92 -13.07
C ALA A 164 -12.49 -22.35 -13.13
N GLU A 165 -11.60 -23.33 -13.17
CA GLU A 165 -12.04 -24.73 -13.27
C GLU A 165 -12.11 -25.47 -11.93
N LYS A 166 -11.09 -25.29 -11.09
CA LYS A 166 -11.04 -25.92 -9.76
C LYS A 166 -11.90 -25.19 -8.72
N GLY A 167 -11.95 -23.87 -8.80
CA GLY A 167 -12.69 -23.07 -7.83
C GLY A 167 -11.89 -22.90 -6.55
N PHE A 168 -12.51 -22.28 -5.55
CA PHE A 168 -11.95 -22.22 -4.21
C PHE A 168 -12.56 -23.33 -3.37
N SER A 169 -11.78 -23.83 -2.41
CA SER A 169 -12.14 -24.92 -1.52
C SER A 169 -13.22 -24.55 -0.50
N LYS A 170 -13.39 -23.25 -0.24
CA LYS A 170 -14.49 -22.77 0.62
C LYS A 170 -15.37 -21.68 -0.05
N ILE A 171 -16.58 -21.46 0.45
CA ILE A 171 -17.49 -20.41 -0.08
C ILE A 171 -18.04 -19.56 1.06
N VAL A 172 -18.40 -18.31 0.76
CA VAL A 172 -18.88 -17.37 1.78
C VAL A 172 -20.34 -17.00 1.55
N ILE A 173 -21.20 -17.38 2.50
CA ILE A 173 -22.65 -17.36 2.31
C ILE A 173 -23.43 -16.63 3.42
N GLU A 174 -24.64 -16.20 3.11
CA GLU A 174 -25.57 -15.74 4.14
C GLU A 174 -26.55 -16.89 4.38
N GLU A 175 -26.84 -17.18 5.64
CA GLU A 175 -27.76 -18.25 6.03
C GLU A 175 -28.43 -17.85 7.34
N ASN A 176 -29.76 -17.83 7.33
CA ASN A 176 -30.55 -17.48 8.51
C ASN A 176 -30.08 -16.18 9.16
N GLY A 177 -29.60 -15.26 8.33
CA GLY A 177 -29.09 -13.96 8.78
C GLY A 177 -27.65 -13.97 9.28
N GLU A 178 -26.93 -15.04 8.97
CA GLU A 178 -25.57 -15.25 9.46
C GLU A 178 -24.56 -15.49 8.35
N VAL A 179 -23.42 -14.79 8.43
CA VAL A 179 -22.33 -14.89 7.47
C VAL A 179 -21.51 -16.11 7.82
N LYS A 180 -21.39 -17.03 6.88
CA LYS A 180 -20.66 -18.23 7.14
C LYS A 180 -19.70 -18.58 6.02
N VAL A 181 -18.56 -19.09 6.43
CA VAL A 181 -17.56 -19.64 5.53
C VAL A 181 -17.64 -21.18 5.64
N VAL A 182 -17.99 -21.83 4.55
CA VAL A 182 -18.21 -23.29 4.56
C VAL A 182 -17.58 -23.97 3.38
N ASP A 183 -17.58 -25.29 3.43
CA ASP A 183 -17.10 -26.11 2.33
C ASP A 183 -17.80 -25.79 1.01
N ASN A 184 -17.04 -25.88 -0.08
CA ASN A 184 -17.58 -25.60 -1.41
C ASN A 184 -18.08 -26.92 -2.03
N PRO A 185 -19.39 -27.03 -2.27
CA PRO A 185 -19.99 -28.21 -2.90
C PRO A 185 -19.32 -28.61 -4.23
N ARG A 186 -18.93 -27.61 -5.04
CA ARG A 186 -18.25 -27.86 -6.33
C ARG A 186 -16.74 -27.85 -6.16
N TRP A 187 -16.20 -28.88 -5.52
CA TRP A 187 -14.75 -28.93 -5.25
C TRP A 187 -14.19 -30.35 -5.23
N LYS A 188 -13.19 -30.59 -6.07
CA LYS A 188 -12.45 -31.87 -6.06
C LYS A 188 -10.97 -31.68 -5.76
N LYS A 189 -10.14 -32.32 -6.60
CA LYS A 189 -8.70 -32.22 -6.48
C LYS A 189 -8.18 -30.91 -7.06
N MET B 1 6.20 -25.41 3.02
CA MET B 1 6.90 -24.28 2.34
C MET B 1 6.08 -22.98 2.31
N TYR B 2 4.76 -23.10 2.18
CA TYR B 2 3.87 -21.93 2.10
C TYR B 2 3.75 -21.21 3.42
N LYS B 3 3.93 -19.90 3.37
CA LYS B 3 3.85 -19.06 4.56
C LYS B 3 2.42 -18.68 4.93
N GLU B 4 2.20 -18.36 6.21
CA GLU B 4 0.89 -18.04 6.76
C GLU B 4 0.41 -16.63 6.36
N PRO B 5 -0.76 -16.51 5.70
CA PRO B 5 -1.31 -15.18 5.44
C PRO B 5 -1.79 -14.54 6.73
N PHE B 6 -1.82 -13.21 6.78
CA PHE B 6 -2.38 -12.53 7.96
C PHE B 6 -2.92 -11.13 7.66
N GLY B 7 -3.85 -10.67 8.49
CA GLY B 7 -4.22 -9.29 8.46
C GLY B 7 -3.93 -8.58 9.78
N VAL B 8 -3.61 -7.31 9.71
CA VAL B 8 -3.47 -6.49 10.91
C VAL B 8 -4.28 -5.22 10.77
N LYS B 9 -4.79 -4.73 11.89
CA LYS B 9 -5.50 -3.47 11.92
C LYS B 9 -4.52 -2.31 11.94
N VAL B 10 -4.76 -1.33 11.07
CA VAL B 10 -4.07 -0.05 11.12
C VAL B 10 -5.06 1.06 11.45
N ASP B 11 -4.73 1.87 12.43
CA ASP B 11 -5.52 3.03 12.78
C ASP B 11 -4.98 4.19 11.93
N PHE B 12 -5.71 4.55 10.89
CA PHE B 12 -5.29 5.67 9.99
C PHE B 12 -5.16 7.00 10.74
N GLU B 13 -5.89 7.12 11.85
CA GLU B 13 -5.92 8.37 12.61
C GLU B 13 -4.67 8.57 13.46
N THR B 14 -4.00 7.47 13.79
CA THR B 14 -2.86 7.52 14.68
C THR B 14 -1.63 6.86 14.05
N GLY B 15 -1.79 6.21 12.91
CA GLY B 15 -0.67 5.46 12.29
C GLY B 15 -0.24 4.15 12.95
N ILE B 16 -0.77 3.84 14.15
CA ILE B 16 -0.29 2.69 14.94
C ILE B 16 -0.74 1.38 14.30
N ILE B 17 0.23 0.49 14.01
CA ILE B 17 -0.05 -0.85 13.49
C ILE B 17 0.00 -1.83 14.66
N GLU B 18 -1.15 -2.40 15.01
CA GLU B 18 -1.25 -3.28 16.18
C GLU B 18 -0.20 -4.39 16.10
N GLY B 19 0.68 -4.44 17.11
CA GLY B 19 1.60 -5.55 17.24
C GLY B 19 2.84 -5.50 16.39
N ALA B 20 3.03 -4.39 15.66
CA ALA B 20 4.22 -4.21 14.83
C ALA B 20 5.44 -3.74 15.66
N LYS B 21 6.66 -3.95 15.14
CA LYS B 21 7.87 -3.35 15.72
C LYS B 21 7.88 -1.83 15.55
N LYS B 22 8.19 -1.13 16.64
CA LYS B 22 8.15 0.33 16.65
C LYS B 22 9.58 0.89 16.82
N SER B 23 9.89 1.95 16.05
CA SER B 23 11.17 2.69 16.14
C SER B 23 10.87 4.15 16.41
N VAL B 24 11.71 4.80 17.20
CA VAL B 24 11.52 6.22 17.48
C VAL B 24 12.80 6.93 17.04
N ARG B 25 12.64 8.00 16.26
CA ARG B 25 13.76 8.92 15.99
C ARG B 25 13.48 10.26 16.70
N ARG B 26 14.32 10.56 17.67
CA ARG B 26 14.31 11.86 18.35
C ARG B 26 15.29 12.81 17.66
N LEU B 27 15.19 14.11 17.94
CA LEU B 27 16.11 15.07 17.30
C LEU B 27 17.59 14.74 17.57
N SER B 28 17.88 14.19 18.75
CA SER B 28 19.24 13.78 19.08
C SER B 28 19.74 12.60 18.25
N ASP B 29 18.82 11.88 17.64
CA ASP B 29 19.21 10.78 16.73
C ASP B 29 19.57 11.28 15.34
N MET B 30 19.49 12.59 15.11
CA MET B 30 19.61 13.19 13.75
C MET B 30 20.74 14.20 13.64
N GLU B 31 21.84 13.94 14.35
CA GLU B 31 22.98 14.82 14.32
C GLU B 31 23.55 14.94 12.91
N GLY B 32 23.82 16.19 12.51
CA GLY B 32 24.35 16.50 11.17
C GLY B 32 23.37 16.44 10.01
N TYR B 33 22.07 16.49 10.28
CA TYR B 33 21.05 16.34 9.22
C TYR B 33 20.42 17.69 8.86
N PHE B 34 20.29 18.56 9.87
CA PHE B 34 19.71 19.88 9.65
C PHE B 34 20.82 20.94 9.48
N VAL B 35 20.54 21.94 8.64
CA VAL B 35 21.48 23.02 8.29
C VAL B 35 21.83 23.90 9.49
N ASP B 36 20.82 24.32 10.24
CA ASP B 36 20.99 25.23 11.34
C ASP B 36 21.41 24.45 12.62
N GLU B 37 22.72 24.17 12.72
CA GLU B 37 23.33 23.37 13.79
C GLU B 37 23.07 23.91 15.19
N ARG B 38 23.03 25.23 15.28
CA ARG B 38 22.81 25.92 16.54
C ARG B 38 21.36 25.76 17.00
N ALA B 39 20.41 25.97 16.11
CA ALA B 39 19.00 25.77 16.48
C ALA B 39 18.74 24.30 16.82
N TRP B 40 19.47 23.40 16.16
CA TRP B 40 19.41 21.94 16.45
C TRP B 40 19.87 21.65 17.87
N LYS B 41 21.06 22.16 18.22
CA LYS B 41 21.65 21.97 19.55
C LYS B 41 20.73 22.53 20.60
N GLU B 42 20.20 23.72 20.32
CA GLU B 42 19.24 24.42 21.18
C GLU B 42 18.02 23.56 21.50
N LEU B 43 17.43 22.97 20.46
CA LEU B 43 16.21 22.20 20.65
C LEU B 43 16.52 20.88 21.33
N VAL B 44 17.67 20.30 21.00
CA VAL B 44 18.05 19.04 21.57
C VAL B 44 18.19 19.19 23.09
N GLU B 45 18.91 20.21 23.53
CA GLU B 45 19.16 20.40 24.96
C GLU B 45 17.90 20.87 25.76
N LYS B 46 17.04 21.65 25.12
CA LYS B 46 15.77 22.12 25.70
C LYS B 46 14.69 21.03 25.83
N GLU B 47 14.48 20.24 24.77
CA GLU B 47 13.31 19.36 24.67
C GLU B 47 13.56 17.96 24.07
N ASP B 48 14.58 17.85 23.22
CA ASP B 48 14.78 16.65 22.37
C ASP B 48 13.50 15.98 21.86
N PRO B 49 12.69 16.70 21.07
CA PRO B 49 11.39 16.12 20.69
C PRO B 49 11.50 14.92 19.75
N VAL B 50 10.45 14.10 19.74
CA VAL B 50 10.31 13.03 18.77
C VAL B 50 10.10 13.65 17.38
N VAL B 51 10.98 13.31 16.42
CA VAL B 51 10.78 13.79 15.04
C VAL B 51 9.78 12.85 14.34
N TYR B 52 9.99 11.54 14.45
CA TYR B 52 9.07 10.60 13.83
C TYR B 52 9.14 9.22 14.43
N GLU B 53 8.07 8.46 14.25
CA GLU B 53 7.95 7.06 14.69
C GLU B 53 7.59 6.21 13.49
N VAL B 54 8.07 4.96 13.49
CA VAL B 54 7.79 4.00 12.44
C VAL B 54 7.21 2.70 13.08
N TYR B 55 6.09 2.21 12.53
CA TYR B 55 5.55 0.86 12.83
C TYR B 55 5.74 -0.03 11.62
N ALA B 56 6.53 -1.10 11.77
CA ALA B 56 6.96 -1.80 10.59
C ALA B 56 6.63 -3.29 10.67
N VAL B 57 6.14 -3.83 9.56
CA VAL B 57 5.86 -5.26 9.44
C VAL B 57 6.71 -5.76 8.28
N GLU B 58 7.77 -6.49 8.64
CA GLU B 58 8.84 -6.83 7.71
C GLU B 58 9.03 -8.33 7.60
N GLN B 59 9.38 -8.77 6.40
CA GLN B 59 9.54 -10.19 6.09
C GLN B 59 11.03 -10.49 5.93
N GLU B 60 11.37 -11.78 5.96
CA GLU B 60 12.72 -12.20 5.59
C GLU B 60 13.08 -11.61 4.21
N GLU B 61 14.36 -11.28 4.05
CA GLU B 61 14.84 -10.48 2.93
C GLU B 61 14.94 -11.35 1.67
N LYS B 62 13.79 -11.61 1.03
CA LYS B 62 13.80 -12.40 -0.20
C LYS B 62 12.99 -11.81 -1.34
N GLU B 63 13.52 -12.02 -2.55
CA GLU B 63 12.93 -11.53 -3.79
C GLU B 63 11.46 -11.87 -3.85
N GLY B 64 10.66 -10.92 -4.31
CA GLY B 64 9.26 -11.16 -4.57
C GLY B 64 8.40 -10.78 -3.40
N ASP B 65 8.96 -10.85 -2.19
CA ASP B 65 8.24 -10.50 -0.96
C ASP B 65 8.15 -8.99 -0.69
N LEU B 66 7.22 -8.58 0.16
CA LEU B 66 6.93 -7.16 0.38
C LEU B 66 6.84 -6.87 1.87
N ASN B 67 7.27 -5.66 2.25
CA ASN B 67 7.16 -5.15 3.64
C ASN B 67 6.23 -3.94 3.63
N PHE B 68 5.73 -3.58 4.81
CA PHE B 68 4.98 -2.34 4.95
C PHE B 68 5.19 -1.72 6.33
N ALA B 69 5.03 -0.41 6.36
CA ALA B 69 5.35 0.35 7.56
C ALA B 69 4.63 1.66 7.49
N THR B 70 4.08 2.04 8.62
CA THR B 70 3.61 3.41 8.79
C THR B 70 4.67 4.30 9.43
N THR B 71 4.63 5.57 9.03
CA THR B 71 5.41 6.63 9.66
C THR B 71 4.47 7.75 10.21
N VAL B 72 4.73 8.17 11.43
CA VAL B 72 4.11 9.33 11.97
C VAL B 72 5.24 10.40 12.04
N LEU B 73 5.18 11.38 11.15
CA LEU B 73 6.16 12.46 11.13
C LEU B 73 5.54 13.66 11.85
N TYR B 74 6.05 13.97 13.04
CA TYR B 74 5.51 15.04 13.90
C TYR B 74 5.82 16.43 13.35
N PRO B 75 5.02 17.44 13.73
CA PRO B 75 5.25 18.77 13.18
C PRO B 75 6.31 19.54 13.96
N GLY B 76 7.08 20.37 13.26
CA GLY B 76 8.11 21.18 13.92
C GLY B 76 9.13 21.70 12.94
N LYS B 77 9.95 22.62 13.40
CA LYS B 77 11.04 23.18 12.59
C LYS B 77 12.34 23.21 13.35
N VAL B 78 13.46 23.06 12.62
CA VAL B 78 14.80 23.28 13.18
C VAL B 78 15.32 24.53 12.51
N GLY B 79 15.27 25.64 13.24
CA GLY B 79 15.35 26.98 12.65
C GLY B 79 14.20 27.19 11.66
N LYS B 80 14.55 27.33 10.39
CA LYS B 80 13.54 27.56 9.35
C LYS B 80 13.13 26.25 8.65
N GLU B 81 13.83 25.17 8.99
CA GLU B 81 13.75 23.91 8.24
C GLU B 81 12.76 22.93 8.88
N PHE B 82 11.73 22.58 8.12
CA PHE B 82 10.73 21.58 8.55
C PHE B 82 11.29 20.20 8.95
N PHE B 83 10.70 19.59 9.98
CA PHE B 83 11.05 18.21 10.41
C PHE B 83 10.91 17.29 9.22
N PHE B 84 11.79 16.30 9.16
CA PHE B 84 11.76 15.34 8.08
C PHE B 84 12.33 13.98 8.53
N THR B 85 12.24 12.96 7.68
CA THR B 85 12.88 11.66 7.93
C THR B 85 14.33 11.75 7.46
N LYS B 86 15.18 10.91 8.02
CA LYS B 86 16.61 10.89 7.65
C LYS B 86 16.79 10.70 6.15
N GLY B 87 16.07 9.75 5.57
CA GLY B 87 16.10 9.59 4.12
C GLY B 87 17.14 8.54 3.78
N HIS B 88 16.99 7.92 2.60
CA HIS B 88 17.89 6.85 2.20
C HIS B 88 17.72 6.53 0.70
N PHE B 89 18.73 5.90 0.09
CA PHE B 89 18.53 5.05 -1.10
C PHE B 89 18.27 3.63 -0.55
N HIS B 90 17.75 2.72 -1.39
CA HIS B 90 17.71 1.31 -1.00
C HIS B 90 19.03 0.63 -1.35
N ALA B 91 19.39 -0.41 -0.60
CA ALA B 91 20.63 -1.16 -0.86
C ALA B 91 20.62 -1.70 -2.28
N LYS B 92 19.48 -2.24 -2.71
CA LYS B 92 19.24 -2.63 -4.10
C LYS B 92 18.63 -1.48 -4.87
N LEU B 93 19.31 -1.07 -5.94
CA LEU B 93 18.89 0.09 -6.72
C LEU B 93 17.81 -0.16 -7.79
N ASP B 94 17.55 -1.43 -8.06
CA ASP B 94 16.46 -1.83 -8.96
C ASP B 94 15.18 -2.20 -8.18
N ARG B 95 14.84 -1.39 -7.16
CA ARG B 95 13.62 -1.59 -6.35
C ARG B 95 12.81 -0.30 -6.16
N ALA B 96 11.57 -0.35 -6.60
CA ALA B 96 10.64 0.76 -6.44
C ALA B 96 9.89 0.68 -5.10
N GLU B 97 9.05 1.68 -4.81
CA GLU B 97 8.30 1.72 -3.56
C GLU B 97 7.03 2.57 -3.77
N VAL B 98 6.00 2.26 -2.99
CA VAL B 98 4.73 3.02 -3.00
C VAL B 98 4.40 3.52 -1.61
N TYR B 99 4.06 4.82 -1.55
CA TYR B 99 3.60 5.50 -0.32
C TYR B 99 2.12 5.89 -0.47
N VAL B 100 1.38 5.74 0.61
CA VAL B 100 -0.05 6.10 0.64
C VAL B 100 -0.21 7.12 1.79
N ALA B 101 -0.50 8.38 1.47
CA ALA B 101 -0.67 9.43 2.46
C ALA B 101 -2.05 9.33 3.12
N LEU B 102 -2.06 9.40 4.45
CA LEU B 102 -3.23 9.04 5.26
C LEU B 102 -3.76 10.25 6.02
N LYS B 103 -2.86 11.03 6.62
CA LYS B 103 -3.28 12.18 7.41
C LYS B 103 -2.22 13.28 7.33
N GLY B 104 -2.67 14.53 7.40
CA GLY B 104 -1.76 15.66 7.52
C GLY B 104 -1.25 16.20 6.20
N LYS B 105 -0.25 17.08 6.27
CA LYS B 105 0.22 17.76 5.06
C LYS B 105 1.74 17.59 4.95
N GLY B 106 2.22 17.14 3.80
CA GLY B 106 3.64 16.96 3.66
C GLY B 106 4.06 16.83 2.22
N GLY B 107 5.17 16.15 2.03
CA GLY B 107 5.60 15.86 0.68
C GLY B 107 6.80 14.98 0.77
N MET B 108 7.32 14.58 -0.39
CA MET B 108 8.48 13.74 -0.46
C MET B 108 9.49 14.46 -1.32
N LEU B 109 10.73 14.50 -0.83
CA LEU B 109 11.85 15.05 -1.60
C LEU B 109 12.58 13.85 -2.13
N LEU B 110 12.95 13.87 -3.42
CA LEU B 110 13.57 12.72 -4.07
C LEU B 110 14.79 13.16 -4.87
N GLN B 111 15.79 12.27 -5.00
CA GLN B 111 17.02 12.62 -5.72
C GLN B 111 17.73 11.37 -6.22
N THR B 112 18.33 11.47 -7.40
CA THR B 112 19.18 10.40 -7.97
C THR B 112 20.60 10.49 -7.42
N PRO B 113 21.44 9.44 -7.64
CA PRO B 113 22.85 9.56 -7.24
C PRO B 113 23.56 10.84 -7.75
N GLU B 114 23.19 11.30 -8.94
CA GLU B 114 23.81 12.48 -9.57
C GLU B 114 23.49 13.78 -8.83
N GLY B 115 22.23 13.97 -8.45
CA GLY B 115 21.80 15.14 -7.71
C GLY B 115 20.53 15.81 -8.21
N ASP B 116 19.92 15.24 -9.24
CA ASP B 116 18.67 15.79 -9.79
C ASP B 116 17.50 15.60 -8.80
N ALA B 117 16.78 16.67 -8.48
CA ALA B 117 15.79 16.61 -7.40
C ALA B 117 14.33 16.66 -7.86
N LYS B 118 13.43 16.19 -7.00
CA LYS B 118 12.01 16.18 -7.26
C LYS B 118 11.25 16.35 -5.96
N TRP B 119 10.20 17.15 -6.00
CA TRP B 119 9.30 17.34 -4.88
C TRP B 119 7.90 16.95 -5.32
N ILE B 120 7.27 16.12 -4.50
CA ILE B 120 5.91 15.68 -4.73
C ILE B 120 5.14 15.96 -3.46
N SER B 121 4.17 16.85 -3.59
CA SER B 121 3.30 17.30 -2.52
C SER B 121 2.39 16.13 -2.04
N MET B 122 2.20 15.99 -0.73
CA MET B 122 1.38 14.89 -0.21
C MET B 122 0.26 15.37 0.70
N GLU B 123 -0.97 14.94 0.43
CA GLU B 123 -2.13 15.19 1.29
C GLU B 123 -2.95 13.88 1.37
N PRO B 124 -3.91 13.74 2.32
CA PRO B 124 -4.65 12.45 2.39
C PRO B 124 -5.21 11.96 1.04
N GLY B 125 -4.99 10.69 0.75
CA GLY B 125 -5.37 10.16 -0.56
C GLY B 125 -4.24 10.14 -1.59
N THR B 126 -3.18 10.90 -1.37
CA THR B 126 -2.04 10.90 -2.28
C THR B 126 -1.33 9.54 -2.22
N VAL B 127 -1.14 8.92 -3.38
CA VAL B 127 -0.30 7.73 -3.47
C VAL B 127 0.91 8.20 -4.29
N VAL B 128 2.13 7.93 -3.82
CA VAL B 128 3.29 8.41 -4.51
C VAL B 128 4.05 7.18 -4.95
N TYR B 129 4.52 7.22 -6.19
CA TYR B 129 5.31 6.14 -6.77
C TYR B 129 6.78 6.55 -6.69
N VAL B 130 7.59 5.75 -6.00
CA VAL B 130 9.01 6.01 -5.78
C VAL B 130 9.76 5.07 -6.71
N PRO B 131 10.32 5.63 -7.80
CA PRO B 131 10.91 4.82 -8.86
C PRO B 131 12.26 4.23 -8.47
N ARG B 132 12.71 3.20 -9.19
CA ARG B 132 14.03 2.63 -8.96
C ARG B 132 15.15 3.68 -9.04
N GLY B 133 16.05 3.68 -8.06
CA GLY B 133 17.22 4.56 -8.09
C GLY B 133 17.16 5.91 -7.38
N TRP B 134 16.01 6.29 -6.84
CA TRP B 134 15.86 7.59 -6.17
C TRP B 134 15.95 7.44 -4.64
N ALA B 135 16.85 8.20 -4.00
CA ALA B 135 16.82 8.35 -2.55
C ALA B 135 15.59 9.16 -2.26
N HIS B 136 15.05 9.03 -1.06
CA HIS B 136 13.77 9.71 -0.74
C HIS B 136 13.68 10.07 0.71
N ARG B 137 13.14 11.26 0.95
CA ARG B 137 12.90 11.77 2.29
C ARG B 137 11.51 12.41 2.29
N THR B 138 10.82 12.27 3.39
CA THR B 138 9.51 12.94 3.55
C THR B 138 9.64 14.06 4.56
N VAL B 139 8.78 15.06 4.40
CA VAL B 139 8.84 16.30 5.15
C VAL B 139 7.42 16.68 5.59
N ASN B 140 7.25 17.08 6.83
CA ASN B 140 5.95 17.58 7.31
C ASN B 140 5.90 19.10 7.23
N ILE B 141 5.03 19.64 6.36
CA ILE B 141 4.97 21.09 6.11
C ILE B 141 3.78 21.74 6.82
N GLY B 142 3.15 21.01 7.73
CA GLY B 142 1.91 21.43 8.42
C GLY B 142 2.11 21.50 9.91
N ASP B 143 1.02 21.70 10.65
CA ASP B 143 1.07 21.83 12.13
C ASP B 143 0.44 20.64 12.85
N GLU B 144 0.09 19.60 12.11
CA GLU B 144 -0.38 18.34 12.71
C GLU B 144 0.49 17.15 12.23
N PRO B 145 0.41 15.99 12.91
CA PRO B 145 1.25 14.85 12.44
C PRO B 145 0.97 14.50 10.97
N PHE B 146 2.04 14.17 10.24
CA PHE B 146 1.94 13.76 8.86
C PHE B 146 2.06 12.25 8.82
N ILE B 147 1.00 11.54 8.43
CA ILE B 147 0.97 10.06 8.57
C ILE B 147 0.76 9.34 7.22
N PHE B 148 1.60 8.34 6.95
CA PHE B 148 1.56 7.65 5.69
C PHE B 148 1.93 6.17 5.83
N LEU B 149 1.59 5.40 4.81
CA LEU B 149 1.93 4.02 4.78
C LEU B 149 2.80 3.76 3.57
N ALA B 150 3.85 2.98 3.78
CA ALA B 150 4.84 2.66 2.77
C ALA B 150 4.80 1.15 2.49
N ILE B 151 4.76 0.73 1.22
CA ILE B 151 4.89 -0.67 0.78
C ILE B 151 6.10 -0.76 -0.14
N TYR B 152 6.99 -1.71 0.16
CA TYR B 152 8.34 -1.81 -0.40
C TYR B 152 8.90 -3.23 -0.41
N PRO B 153 9.65 -3.60 -1.47
CA PRO B 153 10.19 -4.95 -1.52
C PRO B 153 10.96 -5.37 -0.28
N ALA B 154 10.66 -6.55 0.22
CA ALA B 154 11.39 -7.12 1.35
C ALA B 154 12.92 -7.10 1.18
N ASP B 155 13.43 -7.18 -0.05
CA ASP B 155 14.87 -7.21 -0.23
C ASP B 155 15.53 -5.86 -0.58
N ALA B 156 14.76 -4.76 -0.58
CA ALA B 156 15.28 -3.42 -0.91
C ALA B 156 16.48 -2.95 -0.08
N GLY B 157 16.40 -3.12 1.24
CA GLY B 157 17.49 -2.70 2.14
C GLY B 157 17.49 -1.19 2.35
N HIS B 158 18.46 -0.69 3.12
CA HIS B 158 18.54 0.73 3.39
C HIS B 158 19.98 1.23 3.33
N ASP B 159 20.24 2.25 2.50
CA ASP B 159 21.52 2.96 2.45
C ASP B 159 21.32 4.39 2.95
N TYR B 160 21.58 4.59 4.24
CA TYR B 160 21.52 5.88 4.93
C TYR B 160 22.83 6.64 4.87
N GLY B 161 23.94 5.92 4.94
CA GLY B 161 25.29 6.51 5.01
C GLY B 161 25.56 7.58 3.96
N THR B 162 25.23 7.26 2.71
CA THR B 162 25.34 8.18 1.58
C THR B 162 24.56 9.51 1.78
N ILE B 163 23.40 9.44 2.43
CA ILE B 163 22.62 10.65 2.79
C ILE B 163 23.21 11.36 4.01
N ALA B 164 23.70 10.58 4.99
CA ALA B 164 24.37 11.17 6.15
C ALA B 164 25.70 11.83 5.75
N GLU B 165 26.29 11.34 4.67
CA GLU B 165 27.56 11.85 4.12
C GLU B 165 27.39 13.17 3.37
N LYS B 166 26.35 13.23 2.52
CA LYS B 166 26.22 14.31 1.54
C LYS B 166 24.97 15.18 1.69
N GLY B 167 23.99 14.69 2.46
CA GLY B 167 22.66 15.30 2.54
C GLY B 167 21.94 15.26 1.20
N PHE B 168 20.81 15.96 1.13
CA PHE B 168 20.06 16.16 -0.13
C PHE B 168 20.44 17.50 -0.80
N SER B 169 20.29 17.58 -2.13
CA SER B 169 20.58 18.85 -2.86
C SER B 169 19.65 20.03 -2.52
N LYS B 170 18.44 19.71 -2.08
CA LYS B 170 17.43 20.73 -1.77
C LYS B 170 17.01 20.63 -0.29
N ILE B 171 16.51 21.74 0.26
CA ILE B 171 15.96 21.80 1.62
C ILE B 171 14.56 22.42 1.56
N VAL B 172 13.72 22.12 2.55
CA VAL B 172 12.34 22.58 2.58
C VAL B 172 12.19 23.43 3.84
N ILE B 173 11.95 24.70 3.63
CA ILE B 173 11.97 25.65 4.74
C ILE B 173 10.69 26.49 4.71
N GLU B 174 10.38 27.15 5.83
CA GLU B 174 9.34 28.21 5.83
C GLU B 174 10.01 29.59 5.88
N GLU B 175 9.49 30.51 5.06
CA GLU B 175 10.12 31.81 4.82
C GLU B 175 9.06 32.86 4.48
N ASN B 176 8.88 33.82 5.39
CA ASN B 176 7.76 34.79 5.32
C ASN B 176 6.38 34.13 5.45
N GLY B 177 6.32 33.00 6.16
CA GLY B 177 5.11 32.19 6.25
C GLY B 177 4.80 31.36 5.00
N GLU B 178 5.72 31.39 4.03
CA GLU B 178 5.57 30.65 2.77
C GLU B 178 6.58 29.49 2.65
N VAL B 179 6.06 28.31 2.33
CA VAL B 179 6.87 27.08 2.20
C VAL B 179 7.68 27.06 0.91
N LYS B 180 8.99 26.82 1.00
CA LYS B 180 9.86 26.84 -0.19
C LYS B 180 10.83 25.67 -0.25
N VAL B 181 11.06 25.13 -1.44
CA VAL B 181 12.14 24.19 -1.71
C VAL B 181 13.27 24.93 -2.42
N VAL B 182 14.45 24.93 -1.80
CA VAL B 182 15.58 25.71 -2.30
C VAL B 182 16.84 24.93 -2.11
N ASP B 183 17.94 25.45 -2.64
CA ASP B 183 19.23 24.79 -2.56
C ASP B 183 19.69 24.59 -1.12
N ASN B 184 20.36 23.46 -0.90
CA ASN B 184 20.99 23.15 0.37
C ASN B 184 22.38 23.76 0.28
N PRO B 185 22.66 24.79 1.11
CA PRO B 185 23.97 25.46 1.02
C PRO B 185 25.18 24.58 1.35
N ARG B 186 24.90 23.45 2.01
CA ARG B 186 25.93 22.48 2.38
C ARG B 186 26.23 21.44 1.29
N TRP B 187 25.44 21.43 0.22
CA TRP B 187 25.45 20.34 -0.78
C TRP B 187 26.79 20.09 -1.53
N LYS B 188 27.07 18.82 -1.84
CA LYS B 188 28.27 18.38 -2.60
C LYS B 188 28.14 18.66 -4.09
N LYS B 189 28.73 19.76 -4.57
CA LYS B 189 28.67 20.13 -5.99
C LYS B 189 27.45 20.99 -6.29
MN MN C . -3.04 -10.33 -7.14
O1A PA5 D . -4.70 -8.92 -6.77
C1 PA5 D . -4.86 -7.81 -7.35
O1 PA5 D . -3.95 -7.23 -7.97
C2 PA5 D . -6.17 -7.08 -7.33
O2 PA5 D . -5.95 -5.74 -7.81
C3 PA5 D . -7.23 -7.83 -8.16
O3 PA5 D . -6.78 -8.09 -9.49
C4 PA5 D . -8.56 -7.10 -8.22
O4 PA5 D . -9.02 -6.99 -6.86
C5 PA5 D . -9.60 -7.77 -9.12
O5 PA5 D . -9.74 -9.18 -8.89
P PA5 D . -9.39 -10.26 -10.07
O1P PA5 D . -8.09 -9.78 -10.67
O2P PA5 D . -9.33 -11.54 -9.29
O3P PA5 D . -10.52 -10.22 -11.08
C1 EDO E . -6.25 -5.97 -12.59
O1 EDO E . -5.42 -6.68 -13.50
C2 EDO E . -5.44 -5.63 -11.34
O2 EDO E . -4.63 -6.76 -10.98
C1 EDO F . -13.25 -5.30 -18.60
O1 EDO F . -13.23 -3.88 -18.52
C2 EDO F . -12.16 -5.90 -17.72
O2 EDO F . -12.69 -7.05 -17.04
MN MN G . 12.43 3.38 1.22
O1A PA5 H . 10.31 2.35 3.62
C1 PA5 H . 10.44 3.59 3.65
O1 PA5 H . 11.02 4.26 2.75
C2 PA5 H . 9.82 4.28 4.84
O2 PA5 H . 8.99 3.34 5.58
C3 PA5 H . 10.90 4.90 5.76
O3 PA5 H . 11.79 3.89 6.23
C4 PA5 H . 10.28 5.65 6.96
O4 PA5 H . 9.37 6.65 6.46
C5 PA5 H . 11.33 6.25 7.89
O5 PA5 H . 12.27 7.02 7.14
P PA5 H . 13.85 6.66 7.05
O1P PA5 H . 14.35 7.03 8.41
O2P PA5 H . 13.95 5.19 6.71
O3P PA5 H . 14.26 7.53 5.92
C1 EDO I . 17.50 3.91 10.81
O1 EDO I . 18.83 3.44 10.57
C2 EDO I . 17.48 5.42 10.65
O2 EDO I . 18.62 5.97 11.32
C1 EDO J . 13.57 2.55 9.51
O1 EDO J . 14.56 1.51 9.63
C2 EDO J . 13.58 3.43 10.76
O2 EDO J . 14.28 4.65 10.52
#